data_8WCC
#
_entry.id   8WCC
#
_cell.length_a   1.00
_cell.length_b   1.00
_cell.length_c   1.00
_cell.angle_alpha   90.00
_cell.angle_beta   90.00
_cell.angle_gamma   90.00
#
_symmetry.space_group_name_H-M   'P 1'
#
loop_
_entity.id
_entity.type
_entity.pdbx_description
1 polymer 'Trace amine-associated receptor 1'
2 non-polymer 'CYCLOHEXYLAMMONIUM ION'
#
_entity_poly.entity_id   1
_entity_poly.type   'polypeptide(L)'
_entity_poly.pdbx_seq_one_letter_code
;MHLCHAITNISHRNSDWSREVQASLYSLMSLIILATLVGNLIVIISISHFKQLHTPTNWLLHSMAIVDFLLGCLIMPCSM
VRTVERCWYFGEILCKVHTSTDIMLSSASIFHLAFISIDRYCAVCDPLRYKAKINISTILVMILVSWSLPAVYAFGMIFL
ELNLKGVEELYRSQVSDLGGCSPFFSKVSGVLAFMTSFYIPGSVMLFVYYRIYFIAKGQARSINRTNVQVGLEGKSQAPQ
SKETKAAKTLGIMVGVFLVCWCPFFLCTVLDPFLGYVIPPSLNDALYWFGYLNSALNPMVYAFFYPWFRRALKMVLLGKI
FQKDSSRSKLFL
;
_entity_poly.pdbx_strand_id   R
#
# COMPACT_ATOMS: atom_id res chain seq x y z
N ALA A 23 -25.64 -6.98 -1.58
CA ALA A 23 -25.82 -7.98 -0.54
C ALA A 23 -24.84 -7.77 0.61
N SER A 24 -24.48 -8.89 1.26
CA SER A 24 -23.40 -8.85 2.23
C SER A 24 -22.18 -8.17 1.63
N LEU A 25 -21.74 -8.68 0.49
CA LEU A 25 -20.56 -8.16 -0.20
C LEU A 25 -20.72 -6.69 -0.53
N TYR A 26 -21.87 -6.30 -1.08
CA TYR A 26 -22.05 -4.95 -1.59
C TYR A 26 -21.91 -3.90 -0.51
N SER A 27 -22.87 -3.89 0.42
CA SER A 27 -22.87 -2.87 1.45
C SER A 27 -21.54 -2.93 2.18
N LEU A 28 -21.05 -4.14 2.46
CA LEU A 28 -19.79 -4.28 3.16
C LEU A 28 -18.66 -3.61 2.44
N MET A 29 -18.57 -3.76 1.12
CA MET A 29 -17.39 -3.20 0.46
C MET A 29 -17.49 -1.68 0.33
N SER A 30 -18.71 -1.18 0.19
CA SER A 30 -18.90 0.25 0.24
C SER A 30 -18.41 0.83 1.55
N LEU A 31 -18.58 0.11 2.65
CA LEU A 31 -18.10 0.61 3.90
C LEU A 31 -16.67 0.89 3.79
N ILE A 32 -15.94 -0.01 3.21
CA ILE A 32 -14.50 0.18 3.21
C ILE A 32 -14.12 1.42 2.44
N ILE A 33 -14.75 1.63 1.27
CA ILE A 33 -14.33 2.78 0.46
C ILE A 33 -14.57 4.08 1.22
N LEU A 34 -15.75 4.19 1.83
CA LEU A 34 -16.06 5.41 2.57
C LEU A 34 -15.12 5.61 3.75
N ALA A 35 -14.82 4.51 4.45
CA ALA A 35 -13.89 4.60 5.55
C ALA A 35 -12.56 5.15 5.08
N THR A 36 -12.06 4.66 3.96
CA THR A 36 -10.80 5.18 3.44
C THR A 36 -10.89 6.69 3.23
N LEU A 37 -11.95 7.14 2.54
CA LEU A 37 -12.05 8.54 2.18
C LEU A 37 -12.10 9.44 3.42
N VAL A 38 -13.02 9.13 4.34
CA VAL A 38 -13.16 9.98 5.51
C VAL A 38 -11.92 9.87 6.40
N GLY A 39 -11.33 8.68 6.51
CA GLY A 39 -10.12 8.53 7.29
C GLY A 39 -8.99 9.44 6.83
N ASN A 40 -8.80 9.58 5.51
CA ASN A 40 -7.60 10.29 5.09
C ASN A 40 -7.78 11.79 4.93
N LEU A 41 -8.97 12.25 4.57
CA LEU A 41 -9.15 13.68 4.50
C LEU A 41 -8.83 14.27 5.87
N ILE A 42 -9.06 13.52 6.96
CA ILE A 42 -8.70 14.02 8.27
C ILE A 42 -7.20 14.30 8.33
N VAL A 43 -6.38 13.38 7.84
CA VAL A 43 -4.94 13.59 7.92
C VAL A 43 -4.56 14.87 7.18
N ILE A 44 -5.05 15.00 5.97
CA ILE A 44 -4.75 16.16 5.14
C ILE A 44 -5.32 17.54 5.63
N ILE A 45 -6.47 17.54 6.25
CA ILE A 45 -6.97 18.76 6.81
C ILE A 45 -6.03 19.11 7.98
N SER A 46 -5.87 18.23 8.97
CA SER A 46 -5.03 18.56 10.12
C SER A 46 -3.66 19.10 9.70
N ILE A 47 -2.97 18.40 8.85
CA ILE A 47 -1.59 18.79 8.56
C ILE A 47 -1.22 19.93 7.67
N SER A 48 -2.08 20.31 6.72
CA SER A 48 -1.56 21.31 5.78
C SER A 48 -1.45 22.70 6.38
N HIS A 49 -2.41 23.08 7.21
CA HIS A 49 -2.48 24.50 7.56
C HIS A 49 -2.03 24.79 8.98
N PHE A 50 -1.85 23.77 9.80
CA PHE A 50 -1.37 23.99 11.15
C PHE A 50 0.07 24.43 11.04
N LYS A 51 0.42 25.58 11.59
CA LYS A 51 1.82 25.93 11.50
C LYS A 51 2.57 25.51 12.75
N GLN A 52 2.04 24.52 13.48
CA GLN A 52 2.67 23.79 14.56
C GLN A 52 3.18 22.41 14.14
N LEU A 53 2.74 21.91 12.97
CA LEU A 53 3.22 20.61 12.45
C LEU A 53 4.05 20.71 11.16
N HIS A 54 5.03 21.61 11.12
CA HIS A 54 5.84 21.81 9.92
C HIS A 54 7.21 21.13 10.01
N THR A 55 7.22 19.81 10.04
CA THR A 55 8.49 19.03 10.12
C THR A 55 8.64 18.09 8.88
N PRO A 56 9.79 17.49 8.76
CA PRO A 56 9.84 16.61 7.66
C PRO A 56 8.95 15.37 7.68
N THR A 57 8.68 14.77 8.83
CA THR A 57 7.98 13.51 8.88
C THR A 57 6.57 13.58 8.44
N ASN A 58 5.84 14.59 8.89
CA ASN A 58 4.41 14.67 8.58
C ASN A 58 4.10 14.74 7.10
N TRP A 59 4.92 15.40 6.32
CA TRP A 59 4.79 15.39 4.91
C TRP A 59 4.65 14.00 4.29
N LEU A 60 5.12 12.93 4.95
CA LEU A 60 4.90 11.56 4.47
C LEU A 60 3.51 11.03 4.79
N LEU A 61 3.05 11.21 6.01
CA LEU A 61 1.72 10.78 6.39
C LEU A 61 0.69 11.57 5.55
N HIS A 62 0.97 12.80 5.16
CA HIS A 62 0.18 13.62 4.25
C HIS A 62 0.10 12.98 2.86
N SER A 63 1.26 12.65 2.30
CA SER A 63 1.35 12.07 0.97
C SER A 63 0.72 10.69 0.92
N MET A 64 0.83 9.92 1.99
CA MET A 64 0.21 8.61 2.04
C MET A 64 -1.27 8.79 2.12
N ALA A 65 -1.72 9.73 2.90
CA ALA A 65 -3.13 10.05 2.90
C ALA A 65 -3.61 10.32 1.50
N ILE A 66 -2.87 11.17 0.76
CA ILE A 66 -3.24 11.55 -0.60
C ILE A 66 -3.39 10.32 -1.48
N VAL A 67 -2.38 9.46 -1.44
CA VAL A 67 -2.35 8.30 -2.34
C VAL A 67 -3.51 7.38 -2.02
N ASP A 68 -3.66 7.03 -0.74
CA ASP A 68 -4.77 6.18 -0.35
C ASP A 68 -6.10 6.82 -0.73
N PHE A 69 -6.19 8.15 -0.65
CA PHE A 69 -7.44 8.82 -0.99
C PHE A 69 -7.80 8.61 -2.45
N LEU A 70 -6.88 8.98 -3.34
CA LEU A 70 -7.13 8.87 -4.76
C LEU A 70 -7.48 7.44 -5.13
N LEU A 71 -6.60 6.52 -4.71
CA LEU A 71 -6.85 5.11 -4.91
C LEU A 71 -8.26 4.77 -4.53
N GLY A 72 -8.61 5.10 -3.29
CA GLY A 72 -9.88 4.69 -2.76
C GLY A 72 -10.97 5.11 -3.70
N CYS A 73 -11.00 6.40 -4.02
CA CYS A 73 -12.14 6.94 -4.74
C CYS A 73 -12.33 6.46 -6.17
N LEU A 74 -11.25 6.39 -6.94
CA LEU A 74 -11.38 6.01 -8.34
C LEU A 74 -11.38 4.51 -8.55
N ILE A 75 -10.39 3.82 -8.01
CA ILE A 75 -10.24 2.40 -8.20
C ILE A 75 -11.25 1.68 -7.49
N MET A 76 -11.38 1.95 -6.22
CA MET A 76 -12.29 1.12 -5.49
C MET A 76 -13.68 1.08 -6.10
N PRO A 77 -14.38 2.20 -6.23
CA PRO A 77 -15.71 2.04 -6.85
C PRO A 77 -15.74 1.38 -8.24
N CYS A 78 -14.82 1.67 -9.17
CA CYS A 78 -14.81 0.90 -10.42
C CYS A 78 -14.64 -0.60 -10.13
N SER A 79 -13.66 -0.95 -9.31
CA SER A 79 -13.42 -2.34 -8.97
C SER A 79 -14.61 -2.96 -8.24
N MET A 80 -15.27 -2.17 -7.39
CA MET A 80 -16.43 -2.63 -6.63
C MET A 80 -17.55 -2.98 -7.58
N VAL A 81 -17.73 -2.19 -8.64
CA VAL A 81 -18.71 -2.59 -9.64
C VAL A 81 -18.32 -3.94 -10.23
N ARG A 82 -17.06 -4.15 -10.61
CA ARG A 82 -16.60 -5.43 -11.20
C ARG A 82 -16.75 -6.67 -10.46
N THR A 83 -16.63 -6.63 -9.13
CA THR A 83 -16.64 -7.98 -8.54
C THR A 83 -17.99 -8.44 -8.04
N VAL A 84 -19.02 -7.60 -8.15
CA VAL A 84 -20.37 -8.05 -7.80
C VAL A 84 -20.86 -8.65 -9.12
N GLU A 85 -19.97 -8.76 -10.10
CA GLU A 85 -20.35 -9.34 -11.38
C GLU A 85 -19.25 -10.23 -11.91
N ARG A 86 -19.50 -10.93 -13.00
CA ARG A 86 -18.46 -11.75 -13.63
C ARG A 86 -17.78 -10.99 -14.78
N CYS A 87 -18.51 -10.08 -15.42
CA CYS A 87 -17.96 -9.31 -16.55
C CYS A 87 -17.69 -7.82 -16.45
N TRP A 88 -16.61 -7.38 -17.10
CA TRP A 88 -16.30 -5.95 -17.16
C TRP A 88 -16.95 -5.45 -18.45
N TYR A 89 -17.77 -4.41 -18.38
CA TYR A 89 -18.50 -3.98 -19.57
C TYR A 89 -18.23 -2.52 -19.87
N PHE A 90 -17.43 -1.87 -19.03
CA PHE A 90 -17.07 -0.48 -19.22
C PHE A 90 -16.57 -0.27 -20.64
N GLY A 91 -15.89 -1.26 -21.18
CA GLY A 91 -15.25 -1.09 -22.45
C GLY A 91 -13.75 -1.17 -22.29
N GLU A 92 -13.18 -1.92 -23.21
CA GLU A 92 -11.79 -2.22 -23.17
C GLU A 92 -10.77 -1.14 -23.34
N ILE A 93 -11.09 -0.07 -24.03
CA ILE A 93 -10.12 1.02 -24.05
C ILE A 93 -9.82 1.49 -22.62
N LEU A 94 -10.84 1.43 -21.75
CA LEU A 94 -10.72 1.87 -20.35
C LEU A 94 -9.92 0.90 -19.48
N CYS A 95 -10.14 -0.40 -19.58
CA CYS A 95 -9.49 -1.39 -18.74
C CYS A 95 -8.08 -1.23 -18.44
N LYS A 96 -7.28 -1.04 -19.43
CA LYS A 96 -5.84 -1.05 -19.23
C LYS A 96 -5.43 0.16 -18.39
N VAL A 97 -5.99 1.33 -18.73
CA VAL A 97 -5.84 2.54 -17.91
C VAL A 97 -6.06 2.20 -16.46
N HIS A 98 -7.22 1.62 -16.22
CA HIS A 98 -7.71 1.32 -14.88
C HIS A 98 -6.78 0.45 -14.06
N THR A 99 -6.46 -0.73 -14.58
CA THR A 99 -5.63 -1.64 -13.79
C THR A 99 -4.28 -1.01 -13.52
N SER A 100 -3.74 -0.28 -14.50
CA SER A 100 -2.45 0.34 -14.21
C SER A 100 -2.56 1.34 -13.09
N THR A 101 -3.69 2.04 -13.03
CA THR A 101 -3.88 2.98 -11.96
C THR A 101 -3.92 2.22 -10.64
N ASP A 102 -4.62 1.08 -10.58
CA ASP A 102 -4.63 0.25 -9.38
C ASP A 102 -3.21 -0.15 -8.98
N ILE A 103 -2.42 -0.61 -9.92
CA ILE A 103 -1.07 -1.05 -9.57
C ILE A 103 -0.27 0.13 -9.08
N MET A 104 -0.30 1.23 -9.82
CA MET A 104 0.51 2.40 -9.47
C MET A 104 0.22 2.93 -8.09
N LEU A 105 -1.06 3.13 -7.79
CA LEU A 105 -1.45 3.68 -6.50
C LEU A 105 -1.08 2.82 -5.30
N SER A 106 -1.08 1.50 -5.47
CA SER A 106 -0.66 0.64 -4.36
C SER A 106 0.82 0.40 -4.29
N SER A 107 1.49 0.28 -5.42
CA SER A 107 2.93 0.19 -5.39
C SER A 107 3.39 1.48 -4.72
N ALA A 108 2.47 2.42 -4.61
CA ALA A 108 2.80 3.66 -3.91
C ALA A 108 2.65 3.50 -2.40
N SER A 109 1.56 2.86 -1.98
CA SER A 109 1.30 2.68 -0.55
C SER A 109 2.40 1.88 0.12
N ILE A 110 2.81 0.78 -0.50
CA ILE A 110 3.84 -0.07 0.09
C ILE A 110 5.17 0.70 0.20
N PHE A 111 5.50 1.49 -0.82
CA PHE A 111 6.72 2.27 -0.77
C PHE A 111 6.69 3.29 0.36
N HIS A 112 5.52 3.88 0.59
CA HIS A 112 5.40 4.86 1.65
C HIS A 112 5.67 4.25 3.00
N LEU A 113 5.11 3.07 3.25
CA LEU A 113 5.39 2.44 4.54
C LEU A 113 6.89 2.22 4.72
N ALA A 114 7.59 1.80 3.65
CA ALA A 114 9.03 1.58 3.77
C ALA A 114 9.80 2.86 4.07
N PHE A 115 9.45 3.99 3.44
CA PHE A 115 10.24 5.18 3.79
C PHE A 115 9.95 5.68 5.20
N ILE A 116 8.73 5.45 5.69
CA ILE A 116 8.49 5.74 7.10
C ILE A 116 9.42 4.91 7.96
N SER A 117 9.57 3.63 7.61
CA SER A 117 10.51 2.79 8.34
C SER A 117 11.90 3.40 8.37
N ILE A 118 12.38 3.91 7.24
CA ILE A 118 13.76 4.42 7.29
C ILE A 118 13.88 5.58 8.27
N ASP A 119 12.85 6.49 8.28
CA ASP A 119 12.70 7.69 9.19
C ASP A 119 12.76 7.26 10.61
N ARG A 120 12.06 6.19 10.94
CA ARG A 120 11.99 5.67 12.31
C ARG A 120 13.28 4.96 12.73
N TYR A 121 13.86 4.19 11.82
CA TYR A 121 15.15 3.57 12.04
C TYR A 121 16.18 4.59 12.44
N CYS A 122 16.15 5.70 11.71
CA CYS A 122 17.10 6.78 11.82
C CYS A 122 16.91 7.59 13.07
N ALA A 123 15.80 7.43 13.80
CA ALA A 123 15.71 8.12 15.08
C ALA A 123 16.40 7.34 16.19
N VAL A 124 16.16 6.03 16.21
CA VAL A 124 16.51 5.11 17.28
C VAL A 124 17.82 4.46 16.90
N CYS A 125 18.61 5.10 16.05
CA CYS A 125 19.95 4.55 15.91
C CYS A 125 21.10 5.54 15.96
N ASP A 126 21.06 6.45 15.01
CA ASP A 126 21.94 7.60 14.96
C ASP A 126 21.02 8.69 15.48
N PRO A 127 21.04 9.01 16.73
CA PRO A 127 20.01 9.95 17.21
C PRO A 127 20.55 11.35 17.38
N LEU A 128 21.86 11.48 17.17
CA LEU A 128 22.54 12.76 17.30
C LEU A 128 22.58 13.50 15.98
N ARG A 129 22.26 12.82 14.90
CA ARG A 129 22.44 13.33 13.56
C ARG A 129 21.14 13.37 12.81
N TYR A 130 20.09 12.87 13.46
CA TYR A 130 18.79 12.77 12.82
C TYR A 130 18.25 13.97 12.12
N LYS A 131 18.19 15.10 12.81
CA LYS A 131 17.52 16.25 12.21
C LYS A 131 18.25 16.68 10.95
N ALA A 132 19.57 16.78 11.03
CA ALA A 132 20.35 17.12 9.84
C ALA A 132 20.04 16.18 8.71
N LYS A 133 20.14 14.87 8.94
CA LYS A 133 19.90 13.92 7.86
C LYS A 133 18.47 13.95 7.36
N ILE A 134 17.46 13.95 8.19
CA ILE A 134 16.12 14.03 7.69
C ILE A 134 15.56 15.44 7.71
N ASN A 135 16.00 16.27 6.70
CA ASN A 135 15.58 17.67 6.53
C ASN A 135 14.35 17.58 5.63
N ILE A 136 13.79 18.67 5.06
CA ILE A 136 12.68 18.55 4.14
C ILE A 136 13.15 18.20 2.71
N SER A 137 14.40 18.49 2.35
CA SER A 137 14.91 18.10 1.02
C SER A 137 14.90 16.59 0.82
N THR A 138 15.38 15.86 1.82
CA THR A 138 15.40 14.41 1.73
C THR A 138 13.95 13.95 1.54
N ILE A 139 13.09 14.48 2.41
CA ILE A 139 11.71 14.08 2.39
C ILE A 139 11.08 14.33 1.03
N LEU A 140 11.51 15.38 0.34
CA LEU A 140 11.02 15.67 -1.00
C LEU A 140 11.43 14.57 -1.98
N VAL A 141 12.71 14.20 -2.01
CA VAL A 141 13.09 13.08 -2.86
C VAL A 141 12.20 11.88 -2.56
N MET A 142 12.03 11.59 -1.27
CA MET A 142 11.27 10.41 -0.88
C MET A 142 9.82 10.40 -1.36
N ILE A 143 9.22 11.58 -1.54
CA ILE A 143 7.85 11.66 -2.03
C ILE A 143 7.79 11.53 -3.55
N LEU A 144 8.76 12.11 -4.26
CA LEU A 144 8.74 12.05 -5.72
C LEU A 144 9.02 10.63 -6.19
N VAL A 145 9.99 9.96 -5.55
CA VAL A 145 10.32 8.61 -5.96
C VAL A 145 9.14 7.67 -5.75
N SER A 146 8.47 7.83 -4.59
CA SER A 146 7.29 7.07 -4.23
C SER A 146 6.19 7.16 -5.29
N TRP A 147 5.94 8.35 -5.83
CA TRP A 147 4.85 8.51 -6.80
C TRP A 147 5.28 8.36 -8.24
N SER A 148 6.58 8.30 -8.50
CA SER A 148 7.06 8.27 -9.87
C SER A 148 7.22 6.86 -10.35
N LEU A 149 8.18 6.12 -9.77
CA LEU A 149 8.47 4.76 -10.22
C LEU A 149 7.25 3.79 -10.25
N PRO A 150 6.31 3.83 -9.27
CA PRO A 150 5.11 2.99 -9.36
C PRO A 150 4.28 3.34 -10.57
N ALA A 151 4.01 4.64 -10.74
CA ALA A 151 3.22 5.15 -11.87
C ALA A 151 3.74 4.63 -13.16
N VAL A 152 4.98 4.98 -13.40
CA VAL A 152 5.61 4.72 -14.65
C VAL A 152 5.59 3.24 -14.93
N TYR A 153 6.04 2.46 -13.96
CA TYR A 153 6.24 1.05 -14.22
C TYR A 153 4.92 0.38 -14.52
N ALA A 154 3.89 0.67 -13.72
CA ALA A 154 2.58 0.10 -13.98
C ALA A 154 2.10 0.47 -15.38
N PHE A 155 2.11 1.77 -15.72
CA PHE A 155 1.59 2.16 -17.02
C PHE A 155 2.43 1.57 -18.15
N GLY A 156 3.74 1.66 -18.07
CA GLY A 156 4.55 1.12 -19.16
C GLY A 156 4.26 -0.35 -19.39
N MET A 157 4.27 -1.13 -18.30
CA MET A 157 4.02 -2.56 -18.42
C MET A 157 2.67 -2.84 -19.07
N ILE A 158 1.58 -2.41 -18.48
CA ILE A 158 0.31 -2.74 -19.07
C ILE A 158 -0.03 -2.02 -20.35
N PHE A 159 0.62 -0.91 -20.67
CA PHE A 159 0.30 -0.30 -21.95
C PHE A 159 1.12 -0.77 -23.15
N LEU A 160 2.11 -1.64 -22.95
CA LEU A 160 2.80 -2.15 -24.13
C LEU A 160 2.53 -3.63 -24.29
N GLU A 161 1.35 -4.11 -23.92
CA GLU A 161 1.01 -5.51 -24.02
C GLU A 161 2.03 -6.35 -23.28
N LEU A 162 2.54 -5.89 -22.14
CA LEU A 162 3.60 -6.64 -21.43
C LEU A 162 3.21 -7.53 -20.22
N ASN A 163 1.93 -7.84 -20.01
CA ASN A 163 1.53 -8.72 -18.93
C ASN A 163 1.68 -10.00 -19.66
N LEU A 164 1.04 -10.06 -20.82
CA LEU A 164 1.15 -11.23 -21.63
C LEU A 164 2.09 -11.17 -22.84
N LYS A 165 3.20 -11.93 -22.79
CA LYS A 165 4.19 -12.04 -23.90
C LYS A 165 4.48 -13.53 -23.85
N GLY A 166 3.80 -14.31 -24.65
CA GLY A 166 3.94 -15.75 -24.54
C GLY A 166 2.74 -16.44 -23.97
N VAL A 167 1.95 -15.73 -23.21
CA VAL A 167 0.66 -16.23 -22.77
C VAL A 167 -0.51 -15.53 -23.39
N GLU A 168 -0.31 -15.08 -24.63
CA GLU A 168 -1.34 -14.29 -25.34
C GLU A 168 -2.77 -14.82 -25.52
N GLU A 169 -2.97 -16.12 -25.76
CA GLU A 169 -4.32 -16.58 -26.02
C GLU A 169 -5.14 -16.42 -24.84
N LEU A 170 -4.59 -16.81 -23.73
CA LEU A 170 -5.38 -16.79 -22.56
C LEU A 170 -5.80 -15.40 -22.34
N TYR A 171 -4.99 -14.47 -22.76
CA TYR A 171 -5.32 -13.09 -22.54
C TYR A 171 -4.41 -12.18 -23.26
N SER A 173 -8.76 -17.25 -24.18
CA SER A 173 -9.97 -17.76 -23.57
C SER A 173 -10.33 -16.93 -22.36
N GLN A 174 -9.34 -16.60 -21.51
CA GLN A 174 -9.58 -15.80 -20.27
C GLN A 174 -10.13 -14.43 -20.39
N VAL A 175 -10.00 -13.90 -21.57
CA VAL A 175 -10.51 -12.54 -21.85
C VAL A 175 -11.48 -12.42 -23.01
N SER A 176 -11.89 -13.53 -23.57
CA SER A 176 -12.84 -13.46 -24.62
C SER A 176 -14.10 -13.65 -23.89
N ASP A 177 -14.35 -14.87 -23.46
CA ASP A 177 -15.53 -15.17 -22.69
C ASP A 177 -15.42 -14.36 -21.40
N LEU A 178 -14.34 -14.43 -20.70
CA LEU A 178 -14.38 -13.73 -19.43
C LEU A 178 -14.30 -12.23 -19.58
N GLY A 179 -13.52 -11.74 -20.48
CA GLY A 179 -13.49 -10.32 -20.72
C GLY A 179 -13.50 -9.49 -19.47
N GLY A 180 -12.71 -9.87 -18.47
CA GLY A 180 -12.72 -9.15 -17.21
C GLY A 180 -11.32 -8.68 -16.90
N CYS A 181 -11.21 -7.53 -16.24
CA CYS A 181 -9.93 -7.01 -15.97
C CYS A 181 -9.33 -7.75 -14.83
N SER A 182 -8.41 -8.64 -15.11
CA SER A 182 -7.76 -9.29 -14.04
C SER A 182 -6.36 -9.13 -14.39
N PRO A 183 -5.60 -8.66 -13.48
CA PRO A 183 -4.24 -8.65 -13.91
C PRO A 183 -3.92 -10.10 -14.08
N PHE A 184 -3.77 -10.62 -15.28
CA PHE A 184 -3.55 -12.02 -15.48
C PHE A 184 -2.10 -12.05 -15.94
N PHE A 185 -1.24 -12.50 -15.05
CA PHE A 185 0.18 -12.31 -15.29
C PHE A 185 0.78 -13.50 -16.01
N SER A 186 1.90 -13.22 -16.68
CA SER A 186 2.61 -14.26 -17.40
C SER A 186 3.50 -14.98 -16.43
N LYS A 187 4.33 -15.87 -16.94
CA LYS A 187 5.17 -16.67 -16.09
C LYS A 187 6.16 -15.78 -15.37
N VAL A 188 7.06 -15.17 -16.09
CA VAL A 188 8.06 -14.39 -15.39
C VAL A 188 7.48 -13.07 -14.92
N SER A 189 6.24 -12.78 -15.33
CA SER A 189 5.62 -11.56 -14.86
C SER A 189 5.39 -11.63 -13.37
N GLY A 190 4.85 -12.75 -12.89
CA GLY A 190 4.55 -12.86 -11.48
C GLY A 190 5.79 -12.68 -10.65
N VAL A 191 6.88 -13.36 -11.03
CA VAL A 191 8.11 -13.24 -10.26
C VAL A 191 8.55 -11.80 -10.20
N LEU A 192 8.64 -11.11 -11.35
CA LEU A 192 9.12 -9.73 -11.30
C LEU A 192 8.23 -8.81 -10.47
N ALA A 193 6.93 -8.77 -10.76
CA ALA A 193 6.07 -7.80 -10.08
C ALA A 193 6.04 -8.06 -8.58
N PHE A 194 5.77 -9.32 -8.21
CA PHE A 194 5.77 -9.71 -6.81
C PHE A 194 7.08 -9.32 -6.16
N MET A 195 8.20 -9.72 -6.74
CA MET A 195 9.48 -9.44 -6.13
C MET A 195 9.64 -7.97 -5.81
N THR A 196 9.67 -7.11 -6.84
CA THR A 196 9.94 -5.70 -6.61
C THR A 196 9.09 -5.09 -5.52
N SER A 197 7.77 -5.17 -5.63
CA SER A 197 6.84 -4.50 -4.68
C SER A 197 6.63 -5.12 -3.30
N PHE A 198 6.59 -6.44 -3.21
CA PHE A 198 6.53 -7.11 -1.91
C PHE A 198 7.83 -7.56 -1.26
N TYR A 199 8.77 -7.99 -2.09
CA TYR A 199 10.01 -8.51 -1.56
C TYR A 199 10.98 -7.39 -1.19
N ILE A 200 11.16 -6.38 -2.05
CA ILE A 200 12.03 -5.30 -1.60
C ILE A 200 11.32 -4.43 -0.51
N PRO A 201 10.11 -3.88 -0.79
CA PRO A 201 9.52 -3.14 0.34
C PRO A 201 9.31 -3.95 1.60
N GLY A 202 8.95 -5.23 1.53
CA GLY A 202 8.85 -6.05 2.69
C GLY A 202 10.12 -6.29 3.47
N SER A 203 11.24 -6.41 2.81
CA SER A 203 12.43 -6.73 3.54
C SER A 203 13.05 -5.62 4.28
N VAL A 204 13.11 -4.46 3.70
CA VAL A 204 13.61 -3.29 4.41
C VAL A 204 12.89 -3.12 5.74
N MET A 205 11.55 -3.21 5.70
CA MET A 205 10.74 -3.07 6.90
C MET A 205 11.14 -4.07 7.98
N LEU A 206 11.31 -5.34 7.60
CA LEU A 206 11.57 -6.39 8.59
C LEU A 206 12.89 -6.16 9.29
N PHE A 207 13.94 -5.88 8.52
CA PHE A 207 15.23 -5.56 9.13
C PHE A 207 15.06 -4.47 10.17
N VAL A 208 14.40 -3.39 9.77
CA VAL A 208 14.32 -2.23 10.65
C VAL A 208 13.60 -2.59 11.94
N TYR A 209 12.43 -3.23 11.83
CA TYR A 209 11.69 -3.52 13.06
C TYR A 209 12.37 -4.54 13.93
N TYR A 210 13.09 -5.48 13.33
CA TYR A 210 13.83 -6.44 14.12
C TYR A 210 14.84 -5.73 15.01
N ARG A 211 15.68 -4.91 14.42
CA ARG A 211 16.62 -4.18 15.23
C ARG A 211 15.90 -3.30 16.27
N ILE A 212 14.78 -2.68 15.97
CA ILE A 212 14.17 -1.80 16.95
C ILE A 212 13.65 -2.62 18.08
N TYR A 213 13.20 -3.83 17.87
CA TYR A 213 12.81 -4.70 18.98
C TYR A 213 14.00 -4.90 19.87
N PHE A 214 15.14 -5.30 19.36
CA PHE A 214 16.26 -5.59 20.26
C PHE A 214 16.78 -4.36 21.01
N ILE A 215 16.70 -3.18 20.44
CA ILE A 215 17.20 -2.01 21.16
C ILE A 215 16.16 -1.47 22.16
N ALA A 216 14.94 -1.22 21.68
CA ALA A 216 13.86 -0.74 22.51
C ALA A 216 13.58 -1.69 23.64
N LYS A 217 13.68 -2.98 23.44
CA LYS A 217 13.49 -3.87 24.60
C LYS A 217 14.75 -4.01 25.37
N GLY A 218 15.87 -3.89 24.73
CA GLY A 218 17.05 -3.94 25.56
C GLY A 218 17.18 -2.80 26.55
N GLN A 219 16.71 -1.60 26.19
CA GLN A 219 16.88 -0.48 27.11
C GLN A 219 16.15 -0.70 28.43
N ALA A 220 14.91 -1.20 28.36
CA ALA A 220 14.15 -1.35 29.59
C ALA A 220 14.82 -2.31 30.55
N ARG A 221 15.88 -3.01 30.11
CA ARG A 221 16.82 -3.60 31.07
C ARG A 221 17.43 -2.54 31.96
N SER A 222 18.14 -1.57 31.36
CA SER A 222 18.85 -0.57 32.13
C SER A 222 17.89 0.19 33.02
N ILE A 223 16.85 0.81 32.50
CA ILE A 223 15.94 1.64 33.30
C ILE A 223 15.20 0.81 34.32
N ASN A 224 14.93 -0.49 34.07
CA ASN A 224 14.33 -1.29 35.14
C ASN A 224 15.32 -1.59 36.27
N ARG A 225 16.60 -1.78 35.95
CA ARG A 225 17.64 -2.08 36.96
C ARG A 225 19.06 -1.96 36.37
N LYS A 245 3.78 -0.88 24.56
CA LYS A 245 5.22 -1.13 24.69
C LYS A 245 5.78 -1.68 23.40
N ALA A 246 7.08 -1.98 23.41
CA ALA A 246 7.79 -2.26 22.16
C ALA A 246 7.12 -3.36 21.36
N ALA A 247 6.87 -4.51 22.00
CA ALA A 247 6.34 -5.65 21.27
C ALA A 247 4.97 -5.35 20.70
N LYS A 248 4.01 -4.96 21.54
CA LYS A 248 2.70 -4.55 21.07
C LYS A 248 2.72 -3.61 19.86
N THR A 249 3.47 -2.49 19.86
CA THR A 249 3.49 -1.51 18.77
C THR A 249 4.05 -2.14 17.49
N LEU A 250 5.30 -2.58 17.57
CA LEU A 250 5.94 -3.16 16.41
C LEU A 250 5.18 -4.34 15.86
N GLY A 251 4.67 -5.23 16.73
CA GLY A 251 3.90 -6.36 16.28
C GLY A 251 2.72 -5.94 15.47
N ILE A 252 1.91 -5.03 15.99
CA ILE A 252 0.70 -4.56 15.32
C ILE A 252 0.94 -3.91 13.98
N MET A 253 2.03 -3.22 13.79
CA MET A 253 2.38 -2.66 12.48
C MET A 253 2.71 -3.75 11.48
N VAL A 254 3.70 -4.60 11.79
CA VAL A 254 4.08 -5.60 10.79
C VAL A 254 2.95 -6.60 10.53
N GLY A 255 2.20 -6.95 11.58
CA GLY A 255 1.18 -7.97 11.41
C GLY A 255 0.15 -7.56 10.36
N VAL A 256 -0.35 -6.32 10.47
CA VAL A 256 -1.36 -5.80 9.54
C VAL A 256 -0.92 -6.00 8.11
N PHE A 257 0.18 -5.36 7.77
CA PHE A 257 0.77 -5.41 6.45
C PHE A 257 0.80 -6.85 5.92
N LEU A 258 1.43 -7.72 6.68
CA LEU A 258 1.58 -9.08 6.21
C LEU A 258 0.27 -9.78 6.03
N VAL A 259 -0.65 -9.75 6.95
CA VAL A 259 -1.86 -10.44 6.69
C VAL A 259 -2.63 -9.87 5.56
N CYS A 260 -2.68 -8.57 5.40
CA CYS A 260 -3.33 -7.98 4.25
C CYS A 260 -2.72 -8.26 2.88
N TRP A 261 -1.40 -8.31 2.74
CA TRP A 261 -0.76 -8.57 1.47
C TRP A 261 -0.24 -9.96 1.10
N CYS A 262 0.39 -10.71 1.99
CA CYS A 262 0.99 -12.02 1.77
C CYS A 262 0.04 -12.91 1.00
N PRO A 263 -1.24 -12.99 1.34
CA PRO A 263 -2.05 -13.98 0.66
C PRO A 263 -2.20 -13.61 -0.80
N PHE A 264 -2.55 -12.37 -1.15
CA PHE A 264 -2.77 -12.08 -2.57
C PHE A 264 -1.47 -12.27 -3.36
N PHE A 265 -0.36 -11.76 -2.86
CA PHE A 265 0.87 -11.86 -3.60
C PHE A 265 1.44 -13.26 -3.74
N LEU A 266 1.31 -14.09 -2.72
CA LEU A 266 1.79 -15.45 -2.83
C LEU A 266 1.05 -16.16 -3.95
N CYS A 267 -0.28 -16.04 -3.94
CA CYS A 267 -1.09 -16.65 -4.99
C CYS A 267 -0.60 -16.21 -6.34
N THR A 268 -0.35 -14.92 -6.47
CA THR A 268 -0.04 -14.36 -7.76
C THR A 268 1.23 -14.99 -8.34
N VAL A 269 2.34 -15.06 -7.65
CA VAL A 269 3.56 -15.60 -8.33
C VAL A 269 3.37 -17.05 -8.67
N LEU A 270 2.54 -17.72 -7.92
CA LEU A 270 2.37 -19.13 -8.13
C LEU A 270 1.67 -19.55 -9.36
N ASP A 271 0.51 -18.93 -9.68
CA ASP A 271 -0.36 -19.34 -10.81
C ASP A 271 0.22 -19.49 -12.16
N PRO A 272 1.34 -18.78 -12.42
CA PRO A 272 1.94 -19.12 -13.70
C PRO A 272 2.57 -20.52 -13.58
N PHE A 273 2.46 -21.19 -12.44
CA PHE A 273 2.99 -22.54 -12.30
C PHE A 273 1.86 -23.51 -11.97
N TYR A 276 -2.69 -23.63 -13.67
CA TYR A 276 -3.51 -22.48 -13.38
C TYR A 276 -4.71 -22.90 -12.59
N VAL A 277 -4.51 -23.93 -11.79
CA VAL A 277 -5.57 -24.46 -10.97
C VAL A 277 -6.32 -23.37 -10.20
N ILE A 278 -5.67 -22.24 -9.89
CA ILE A 278 -6.44 -21.29 -9.10
C ILE A 278 -7.83 -20.99 -9.69
N PRO A 279 -8.85 -20.70 -8.84
CA PRO A 279 -10.10 -20.37 -9.46
C PRO A 279 -10.23 -18.88 -9.70
N PRO A 280 -11.15 -18.48 -10.54
CA PRO A 280 -11.49 -17.06 -10.69
C PRO A 280 -12.20 -16.44 -9.49
N SER A 281 -13.27 -17.07 -9.00
CA SER A 281 -14.01 -16.41 -7.95
C SER A 281 -13.18 -16.26 -6.68
N LEU A 282 -12.53 -17.31 -6.20
CA LEU A 282 -11.76 -17.17 -4.95
C LEU A 282 -10.61 -16.16 -5.11
N ASN A 283 -9.96 -16.16 -6.27
CA ASN A 283 -8.81 -15.27 -6.47
C ASN A 283 -9.13 -13.81 -6.12
N ASP A 284 -10.40 -13.46 -6.28
CA ASP A 284 -10.83 -12.09 -6.03
C ASP A 284 -10.76 -11.66 -4.58
N ALA A 285 -11.02 -12.54 -3.66
CA ALA A 285 -11.04 -12.09 -2.29
C ALA A 285 -9.73 -11.46 -1.91
N LEU A 286 -8.69 -11.60 -2.70
CA LEU A 286 -7.43 -11.13 -2.28
C LEU A 286 -7.19 -9.67 -2.59
N TYR A 287 -7.59 -9.17 -3.73
CA TYR A 287 -7.57 -7.75 -4.10
C TYR A 287 -8.11 -6.92 -2.95
N TRP A 288 -9.33 -7.26 -2.55
CA TRP A 288 -10.05 -6.48 -1.56
C TRP A 288 -9.30 -6.43 -0.25
N PHE A 289 -8.50 -7.47 0.04
CA PHE A 289 -7.63 -7.42 1.21
C PHE A 289 -6.68 -6.26 1.12
N GLY A 290 -6.04 -6.08 -0.04
CA GLY A 290 -5.16 -4.92 -0.20
C GLY A 290 -5.88 -3.61 0.07
N TYR A 291 -7.10 -3.48 -0.46
CA TYR A 291 -7.83 -2.23 -0.27
C TYR A 291 -8.17 -1.98 1.21
N LEU A 292 -8.57 -3.06 1.90
CA LEU A 292 -8.84 -2.94 3.33
C LEU A 292 -7.61 -2.48 4.08
N ASN A 293 -6.43 -3.03 3.74
CA ASN A 293 -5.21 -2.58 4.35
C ASN A 293 -5.10 -1.07 4.28
N SER A 294 -5.49 -0.52 3.12
CA SER A 294 -5.29 0.90 2.93
C SER A 294 -6.01 1.71 3.98
N ALA A 295 -7.24 1.31 4.35
CA ALA A 295 -7.89 2.16 5.38
C ALA A 295 -7.11 2.19 6.69
N LEU A 296 -6.87 1.00 7.25
CA LEU A 296 -6.21 0.88 8.54
C LEU A 296 -4.86 1.52 8.53
N ASN A 297 -4.33 1.93 7.40
CA ASN A 297 -3.06 2.61 7.45
C ASN A 297 -3.09 3.95 8.17
N PRO A 298 -4.11 4.78 7.97
CA PRO A 298 -4.22 6.00 8.77
C PRO A 298 -4.36 5.78 10.25
N MET A 299 -5.13 4.81 10.67
CA MET A 299 -5.22 4.53 12.07
C MET A 299 -3.90 4.08 12.67
N VAL A 300 -3.10 3.29 11.98
CA VAL A 300 -1.88 2.81 12.59
C VAL A 300 -0.80 3.84 12.61
N TYR A 301 -0.62 4.64 11.56
CA TYR A 301 0.50 5.57 11.64
C TYR A 301 0.14 7.01 11.93
N ALA A 302 -1.12 7.36 12.16
CA ALA A 302 -1.28 8.75 12.53
C ALA A 302 -2.33 9.00 13.61
N PHE A 303 -2.92 7.99 14.23
CA PHE A 303 -3.98 8.15 15.28
C PHE A 303 -3.73 7.39 16.56
N PHE A 304 -2.93 6.34 16.51
CA PHE A 304 -2.54 5.58 17.67
C PHE A 304 -1.77 6.59 18.51
N TYR A 305 -0.98 7.47 17.89
CA TYR A 305 -0.15 8.46 18.63
C TYR A 305 -0.81 9.75 19.30
N PRO A 306 -0.39 10.25 20.54
CA PRO A 306 -0.94 11.39 21.29
C PRO A 306 -0.89 12.75 20.62
N TRP A 307 0.19 13.11 19.89
CA TRP A 307 0.21 14.45 19.30
C TRP A 307 -0.96 14.64 18.36
N PHE A 308 -1.24 13.66 17.51
CA PHE A 308 -2.34 13.81 16.61
C PHE A 308 -3.62 13.92 17.37
N ARG A 309 -3.84 13.04 18.31
CA ARG A 309 -5.11 13.05 19.02
C ARG A 309 -5.36 14.40 19.67
N ARG A 310 -4.38 14.91 20.40
CA ARG A 310 -4.61 16.17 21.09
C ARG A 310 -4.89 17.29 20.11
N ALA A 311 -4.08 17.40 19.05
CA ALA A 311 -4.29 18.49 18.09
C ALA A 311 -5.65 18.37 17.42
N LEU A 312 -6.05 17.15 17.06
CA LEU A 312 -7.33 16.90 16.41
C LEU A 312 -8.50 17.08 17.38
N LYS A 313 -8.28 16.74 18.64
CA LYS A 313 -9.30 16.88 19.67
C LYS A 313 -9.22 18.25 20.33
N MET A 314 -8.80 19.26 19.57
CA MET A 314 -8.96 20.67 19.89
C MET A 314 -10.38 21.07 19.59
#